data_2P1A
#
_entry.id   2P1A
#
_cell.length_a   45.470
_cell.length_b   77.820
_cell.length_c   87.070
_cell.angle_alpha   90.000
_cell.angle_beta   90.000
_cell.angle_gamma   90.000
#
_symmetry.space_group_name_H-M   'P 21 21 21'
#
loop_
_entity.id
_entity.type
_entity.pdbx_description
1 polymer 'Hypothetical protein'
2 water water
#
_entity_poly.entity_id   1
_entity_poly.type   'polypeptide(L)'
_entity_poly.pdbx_seq_one_letter_code
;G(MSE)FVQSALHQLKVAVDTSIQ(MSE)LDQYTEIDLKIAPIQSKRSLFE(MSE)YAHLSLICHADLLILNGSTEKELH
TFYKEQTPETIAQ(MSE)QKT(MSE)IQGYDLLSKTFLSYSNEQLAE(MSE)KTAYWGISYSRFEWLLEIVAHFYHHRGQ
IHILLCEH(MSE)KDPNIPLFQ
;
_entity_poly.pdbx_strand_id   A,B
#
# COMPACT_ATOMS: atom_id res chain seq x y z
N GLY A 1 19.18 -4.46 8.60
CA GLY A 1 19.21 -4.71 10.07
C GLY A 1 18.11 -3.87 10.66
N MSE A 2 18.40 -2.59 10.82
CA MSE A 2 17.44 -1.57 11.27
C MSE A 2 16.33 -1.43 10.21
O MSE A 2 15.14 -1.40 10.54
CB MSE A 2 18.18 -0.22 11.37
CG MSE A 2 17.39 1.03 11.82
SE MSE A 2 18.09 2.69 10.95
CE MSE A 2 20.01 2.61 11.43
N PHE A 3 16.75 -1.37 8.95
CA PHE A 3 15.86 -1.16 7.79
C PHE A 3 14.97 -2.36 7.49
N VAL A 4 15.57 -3.55 7.49
CA VAL A 4 14.82 -4.80 7.26
C VAL A 4 13.83 -5.02 8.42
N GLN A 5 14.26 -4.80 9.66
CA GLN A 5 13.36 -4.93 10.81
C GLN A 5 12.20 -3.97 10.76
N SER A 6 12.44 -2.74 10.29
CA SER A 6 11.39 -1.74 10.12
C SER A 6 10.35 -2.21 9.11
N ALA A 7 10.83 -2.69 7.96
CA ALA A 7 9.94 -3.18 6.89
C ALA A 7 9.13 -4.41 7.32
N LEU A 8 9.74 -5.32 8.07
CA LEU A 8 9.04 -6.50 8.58
C LEU A 8 8.03 -6.14 9.67
N HIS A 9 8.29 -5.10 10.46
CA HIS A 9 7.32 -4.65 11.47
C HIS A 9 6.08 -4.06 10.79
N GLN A 10 6.33 -3.26 9.74
CA GLN A 10 5.27 -2.65 8.91
C GLN A 10 4.32 -3.75 8.39
N LEU A 11 4.91 -4.84 7.88
CA LEU A 11 4.17 -5.99 7.39
C LEU A 11 3.47 -6.78 8.49
N LYS A 12 4.13 -7.00 9.62
CA LYS A 12 3.54 -7.76 10.73
C LYS A 12 2.27 -7.09 11.26
N VAL A 13 2.31 -5.76 11.41
CA VAL A 13 1.14 -4.96 11.85
C VAL A 13 -0.01 -5.12 10.87
N ALA A 14 0.31 -5.07 9.57
CA ALA A 14 -0.67 -5.27 8.49
C ALA A 14 -1.33 -6.66 8.59
N VAL A 15 -0.49 -7.69 8.71
CA VAL A 15 -0.94 -9.08 8.86
C VAL A 15 -1.75 -9.24 10.14
N ASP A 16 -1.18 -8.80 11.27
CA ASP A 16 -1.85 -8.91 12.58
C ASP A 16 -3.21 -8.22 12.62
N THR A 17 -3.36 -7.08 11.93
CA THR A 17 -4.65 -6.37 11.85
CA THR A 17 -4.65 -6.37 11.87
C THR A 17 -5.63 -7.12 10.94
N SER A 18 -5.11 -7.68 9.83
CA SER A 18 -5.95 -8.48 8.91
C SER A 18 -6.51 -9.73 9.59
N ILE A 19 -5.71 -10.35 10.45
CA ILE A 19 -6.10 -11.56 11.19
C ILE A 19 -7.25 -11.23 12.15
N GLN A 20 -7.13 -10.13 12.91
CA GLN A 20 -8.18 -9.74 13.86
C GLN A 20 -9.45 -9.20 13.15
N MSE A 21 -9.29 -8.53 12.01
CA MSE A 21 -10.44 -8.11 11.17
C MSE A 21 -11.27 -9.32 10.72
O MSE A 21 -12.49 -9.22 10.67
CB MSE A 21 -10.02 -7.30 9.93
CG MSE A 21 -9.62 -5.85 10.21
SE MSE A 21 -8.64 -5.00 8.71
CE MSE A 21 -10.02 -4.79 7.36
N LEU A 22 -10.60 -10.43 10.38
CA LEU A 22 -11.26 -11.70 9.99
C LEU A 22 -12.09 -12.36 11.10
N ASP A 23 -11.80 -12.04 12.38
CA ASP A 23 -12.60 -12.55 13.51
C ASP A 23 -14.00 -11.87 13.60
N GLN A 24 -14.15 -10.68 12.99
CA GLN A 24 -15.42 -9.93 13.04
C GLN A 24 -16.45 -10.32 11.96
N TYR A 25 -16.15 -11.34 11.14
CA TYR A 25 -17.04 -11.84 10.06
C TYR A 25 -17.09 -13.36 10.01
N THR A 26 -18.15 -13.89 9.38
CA THR A 26 -18.34 -15.33 9.13
C THR A 26 -18.03 -15.59 7.66
N GLU A 27 -17.79 -16.85 7.32
CA GLU A 27 -17.49 -17.25 5.94
C GLU A 27 -18.65 -16.90 4.99
N ILE A 28 -19.89 -17.13 5.45
CA ILE A 28 -21.11 -16.76 4.72
C ILE A 28 -21.19 -15.25 4.50
N ASP A 29 -21.00 -14.49 5.57
CA ASP A 29 -21.05 -13.01 5.54
C ASP A 29 -20.08 -12.42 4.49
N LEU A 30 -18.85 -12.96 4.46
CA LEU A 30 -17.81 -12.54 3.49
C LEU A 30 -18.12 -13.02 2.06
N LYS A 31 -18.74 -14.20 1.95
CA LYS A 31 -19.15 -14.75 0.65
C LYS A 31 -20.29 -13.95 0.00
N ILE A 32 -21.22 -13.42 0.80
CA ILE A 32 -22.33 -12.59 0.29
C ILE A 32 -21.85 -11.19 -0.12
N ALA A 33 -21.27 -10.47 0.85
CA ALA A 33 -20.89 -9.05 0.72
C ALA A 33 -19.80 -8.74 -0.31
N PRO A 34 -19.93 -7.64 -1.11
CA PRO A 34 -21.08 -6.70 -1.17
C PRO A 34 -22.24 -7.34 -1.94
N ILE A 35 -23.46 -6.90 -1.64
CA ILE A 35 -24.69 -7.48 -2.24
C ILE A 35 -24.65 -7.35 -3.78
N GLN A 36 -24.65 -6.10 -4.28
CA GLN A 36 -24.59 -5.81 -5.73
C GLN A 36 -23.12 -5.56 -6.09
N SER A 37 -22.42 -6.62 -6.53
CA SER A 37 -21.00 -6.56 -6.90
C SER A 37 -20.51 -7.79 -7.66
N LYS A 38 -19.39 -7.61 -8.38
CA LYS A 38 -18.73 -8.67 -9.15
C LYS A 38 -17.76 -9.51 -8.28
N ARG A 39 -17.20 -8.89 -7.24
CA ARG A 39 -16.24 -9.50 -6.30
C ARG A 39 -16.83 -9.75 -4.92
N SER A 40 -16.24 -10.71 -4.20
CA SER A 40 -16.65 -11.07 -2.83
C SER A 40 -15.53 -10.80 -1.83
N LEU A 41 -15.90 -10.40 -0.61
CA LEU A 41 -14.94 -10.20 0.48
C LEU A 41 -14.15 -11.48 0.81
N PHE A 42 -14.79 -12.64 0.65
CA PHE A 42 -14.15 -13.92 0.93
C PHE A 42 -12.98 -14.17 -0.03
N GLU A 43 -13.25 -14.07 -1.32
CA GLU A 43 -12.24 -14.29 -2.38
C GLU A 43 -11.06 -13.32 -2.29
N MSE A 44 -11.34 -12.09 -1.86
CA MSE A 44 -10.34 -11.04 -1.73
C MSE A 44 -9.47 -11.22 -0.49
O MSE A 44 -8.25 -11.08 -0.58
CB MSE A 44 -10.99 -9.66 -1.76
CG MSE A 44 -11.59 -9.35 -3.12
SE MSE A 44 -12.57 -7.70 -3.21
CE MSE A 44 -13.71 -7.75 -1.66
N TYR A 45 -10.10 -11.55 0.65
CA TYR A 45 -9.35 -11.93 1.87
C TYR A 45 -8.55 -13.22 1.64
N ALA A 46 -9.12 -14.15 0.87
CA ALA A 46 -8.44 -15.38 0.50
C ALA A 46 -7.18 -15.06 -0.29
N HIS A 47 -7.29 -14.14 -1.26
CA HIS A 47 -6.15 -13.68 -2.09
C HIS A 47 -5.10 -12.93 -1.24
N LEU A 48 -5.57 -12.13 -0.28
CA LEU A 48 -4.72 -11.36 0.63
C LEU A 48 -3.83 -12.28 1.45
N SER A 49 -4.42 -13.38 1.93
CA SER A 49 -3.67 -14.37 2.75
C SER A 49 -2.50 -15.05 2.06
N LEU A 50 -2.52 -15.11 0.73
CA LEU A 50 -1.45 -15.73 -0.09
C LEU A 50 -0.35 -14.77 -0.57
N ILE A 51 -0.51 -13.47 -0.33
CA ILE A 51 0.44 -12.44 -0.82
C ILE A 51 1.89 -12.70 -0.39
N CYS A 52 2.10 -12.87 0.91
CA CYS A 52 3.43 -13.15 1.47
C CYS A 52 4.09 -14.37 0.86
N HIS A 53 3.35 -15.47 0.79
CA HIS A 53 3.83 -16.71 0.16
C HIS A 53 4.13 -16.52 -1.31
N ALA A 54 3.14 -15.98 -2.02
CA ALA A 54 3.23 -15.76 -3.47
C ALA A 54 4.36 -14.84 -3.90
N ASP A 55 4.50 -13.71 -3.22
CA ASP A 55 5.53 -12.72 -3.57
C ASP A 55 6.92 -13.19 -3.21
N LEU A 56 7.02 -14.04 -2.17
CA LEU A 56 8.29 -14.69 -1.83
C LEU A 56 8.67 -15.68 -2.93
N LEU A 57 7.68 -16.47 -3.40
CA LEU A 57 7.92 -17.38 -4.53
C LEU A 57 8.39 -16.61 -5.77
N ILE A 58 7.76 -15.48 -6.08
CA ILE A 58 8.13 -14.62 -7.22
C ILE A 58 9.58 -14.19 -7.08
N LEU A 59 9.92 -13.67 -5.89
CA LEU A 59 11.31 -13.27 -5.55
C LEU A 59 12.34 -14.40 -5.71
N ASN A 60 11.92 -15.61 -5.36
CA ASN A 60 12.74 -16.83 -5.45
C ASN A 60 12.65 -17.53 -6.82
N GLY A 61 12.39 -16.77 -7.88
CA GLY A 61 12.42 -17.29 -9.24
C GLY A 61 11.30 -18.14 -9.74
N SER A 62 10.14 -18.14 -9.08
CA SER A 62 9.02 -18.93 -9.55
C SER A 62 8.48 -18.43 -10.88
N THR A 63 7.95 -19.37 -11.66
CA THR A 63 7.38 -19.11 -12.98
C THR A 63 5.97 -18.55 -12.87
N GLU A 64 5.50 -18.06 -14.02
CA GLU A 64 4.13 -17.55 -14.15
C GLU A 64 3.12 -18.65 -13.85
N LYS A 65 3.34 -19.85 -14.41
CA LYS A 65 2.41 -20.99 -14.22
C LYS A 65 2.32 -21.44 -12.76
N GLU A 66 3.47 -21.47 -12.06
CA GLU A 66 3.45 -21.83 -10.63
CA GLU A 66 3.50 -21.76 -10.62
C GLU A 66 2.55 -20.87 -9.85
N LEU A 67 2.70 -19.56 -10.10
CA LEU A 67 1.88 -18.53 -9.41
C LEU A 67 0.42 -18.65 -9.79
N HIS A 68 0.16 -18.93 -11.08
CA HIS A 68 -1.21 -19.16 -11.56
C HIS A 68 -1.84 -20.35 -10.80
N THR A 69 -1.12 -21.47 -10.82
CA THR A 69 -1.55 -22.69 -10.13
C THR A 69 -1.71 -22.50 -8.61
N PHE A 70 -0.78 -21.75 -8.01
CA PHE A 70 -0.75 -21.45 -6.58
C PHE A 70 -2.03 -20.72 -6.16
N TYR A 71 -2.29 -19.56 -6.78
CA TYR A 71 -3.52 -18.78 -6.49
C TYR A 71 -4.83 -19.52 -6.87
N LYS A 72 -4.80 -20.31 -7.96
CA LYS A 72 -5.96 -21.06 -8.41
C LYS A 72 -6.31 -22.19 -7.45
N GLU A 73 -5.33 -23.02 -7.10
CA GLU A 73 -5.55 -24.22 -6.31
C GLU A 73 -5.30 -24.12 -4.80
N GLN A 74 -4.33 -23.28 -4.38
CA GLN A 74 -3.96 -23.16 -2.94
C GLN A 74 -4.62 -22.02 -2.13
N THR A 75 -5.69 -21.42 -2.66
CA THR A 75 -6.42 -20.38 -1.96
C THR A 75 -7.17 -21.01 -0.79
N PRO A 76 -7.05 -20.44 0.42
CA PRO A 76 -7.78 -21.02 1.55
C PRO A 76 -9.32 -21.05 1.41
N GLU A 77 -9.93 -22.07 2.01
CA GLU A 77 -11.38 -22.29 1.98
C GLU A 77 -12.09 -21.98 3.31
N THR A 78 -11.34 -21.54 4.32
CA THR A 78 -11.91 -21.15 5.63
C THR A 78 -11.15 -19.95 6.15
N ILE A 79 -11.77 -19.22 7.07
CA ILE A 79 -11.13 -18.07 7.72
C ILE A 79 -9.91 -18.52 8.54
N ALA A 80 -10.05 -19.61 9.31
CA ALA A 80 -8.96 -20.16 10.11
C ALA A 80 -7.70 -20.45 9.28
N GLN A 81 -7.85 -21.15 8.15
CA GLN A 81 -6.70 -21.37 7.25
C GLN A 81 -6.21 -20.09 6.60
N MSE A 82 -7.09 -19.10 6.39
CA MSE A 82 -6.63 -17.79 5.88
C MSE A 82 -5.67 -17.16 6.87
O MSE A 82 -4.61 -16.69 6.48
CB MSE A 82 -7.79 -16.82 5.62
CG MSE A 82 -8.57 -17.09 4.39
SE MSE A 82 -10.00 -15.84 4.24
CE MSE A 82 -10.80 -16.65 2.67
N GLN A 83 -6.05 -17.19 8.15
CA GLN A 83 -5.25 -16.64 9.25
C GLN A 83 -3.93 -17.40 9.43
N LYS A 84 -4.01 -18.74 9.41
CA LYS A 84 -2.82 -19.60 9.52
C LYS A 84 -1.85 -19.36 8.37
N THR A 85 -2.38 -19.20 7.16
CA THR A 85 -1.58 -18.95 5.96
C THR A 85 -0.82 -17.62 6.05
N MSE A 86 -1.49 -16.56 6.50
CA MSE A 86 -0.83 -15.26 6.69
C MSE A 86 0.34 -15.32 7.68
O MSE A 86 1.41 -14.77 7.40
CB MSE A 86 -1.80 -14.17 7.14
CG MSE A 86 -2.62 -13.66 6.03
SE MSE A 86 -3.68 -12.12 6.48
CE MSE A 86 -4.95 -12.99 7.68
N ILE A 87 0.12 -16.01 8.79
CA ILE A 87 1.15 -16.19 9.82
C ILE A 87 2.35 -16.97 9.25
N GLN A 88 2.07 -18.05 8.52
CA GLN A 88 3.10 -18.89 7.90
C GLN A 88 3.92 -18.13 6.90
N GLY A 89 3.22 -17.39 6.03
CA GLY A 89 3.85 -16.57 4.99
C GLY A 89 4.73 -15.50 5.59
N TYR A 90 4.22 -14.82 6.63
CA TYR A 90 4.97 -13.81 7.34
C TYR A 90 6.20 -14.43 7.96
N ASP A 91 5.99 -15.54 8.66
CA ASP A 91 7.09 -16.25 9.31
C ASP A 91 8.23 -16.60 8.34
N LEU A 92 7.89 -17.16 7.18
CA LEU A 92 8.87 -17.57 6.15
C LEU A 92 9.54 -16.38 5.49
N LEU A 93 8.79 -15.29 5.32
CA LEU A 93 9.29 -14.04 4.74
C LEU A 93 10.28 -13.40 5.71
N SER A 94 9.91 -13.38 6.99
CA SER A 94 10.76 -12.86 8.08
CA SER A 94 10.76 -12.86 8.08
C SER A 94 12.05 -13.65 8.20
N LYS A 95 11.92 -14.97 8.31
CA LYS A 95 13.09 -15.83 8.43
C LYS A 95 13.99 -15.73 7.20
N THR A 96 13.39 -15.55 6.01
CA THR A 96 14.16 -15.37 4.76
C THR A 96 14.94 -14.05 4.87
N PHE A 97 14.20 -12.95 5.03
CA PHE A 97 14.83 -11.61 5.09
C PHE A 97 15.74 -11.35 6.25
N LEU A 98 15.54 -12.03 7.38
CA LEU A 98 16.46 -11.92 8.51
C LEU A 98 17.74 -12.74 8.31
N SER A 99 17.81 -13.58 7.27
CA SER A 99 19.00 -14.37 6.94
C SER A 99 19.89 -13.71 5.89
N TYR A 100 19.45 -12.60 5.31
CA TYR A 100 20.20 -11.93 4.25
C TYR A 100 21.24 -10.96 4.76
N SER A 101 22.40 -10.97 4.10
CA SER A 101 23.45 -9.98 4.33
C SER A 101 23.09 -8.76 3.52
N ASN A 102 23.81 -7.65 3.69
CA ASN A 102 23.61 -6.44 2.87
C ASN A 102 23.84 -6.75 1.38
N GLU A 103 24.78 -7.64 1.05
CA GLU A 103 25.00 -8.07 -0.34
C GLU A 103 23.78 -8.79 -0.91
N GLN A 104 23.19 -9.67 -0.10
CA GLN A 104 21.99 -10.41 -0.48
C GLN A 104 20.77 -9.49 -0.56
N LEU A 105 20.64 -8.55 0.38
CA LEU A 105 19.56 -7.55 0.32
C LEU A 105 19.67 -6.65 -0.93
N ALA A 106 20.92 -6.37 -1.33
CA ALA A 106 21.24 -5.59 -2.53
C ALA A 106 21.13 -6.36 -3.85
N GLU A 107 21.07 -7.70 -3.78
CA GLU A 107 21.05 -8.58 -4.96
C GLU A 107 19.84 -8.32 -5.86
N MSE A 108 20.06 -8.18 -7.17
CA MSE A 108 18.99 -7.96 -8.13
C MSE A 108 18.35 -9.28 -8.49
O MSE A 108 19.06 -10.24 -8.76
CB MSE A 108 19.50 -7.29 -9.42
CG MSE A 108 20.03 -5.87 -9.23
SE MSE A 108 18.67 -4.66 -8.54
CE MSE A 108 17.42 -4.60 -10.03
N LYS A 109 17.02 -9.31 -8.47
CA LYS A 109 16.23 -10.51 -8.79
C LYS A 109 15.10 -10.12 -9.74
N THR A 110 14.97 -10.83 -10.86
CA THR A 110 13.95 -10.54 -11.86
C THR A 110 12.70 -11.39 -11.67
N ALA A 111 11.53 -10.75 -11.60
CA ALA A 111 10.24 -11.46 -11.51
C ALA A 111 9.96 -12.07 -12.88
N TYR A 112 9.06 -13.07 -12.92
CA TYR A 112 8.73 -13.77 -14.19
C TYR A 112 8.26 -12.81 -15.30
N TRP A 113 7.59 -11.73 -14.91
CA TRP A 113 7.11 -10.71 -15.84
C TRP A 113 8.16 -9.68 -16.27
N GLY A 114 9.43 -9.84 -15.88
CA GLY A 114 10.52 -8.99 -16.36
C GLY A 114 11.06 -7.88 -15.50
N ILE A 115 10.27 -7.33 -14.56
CA ILE A 115 10.77 -6.25 -13.68
C ILE A 115 11.80 -6.83 -12.71
N SER A 116 12.93 -6.13 -12.59
CA SER A 116 14.03 -6.52 -11.75
C SER A 116 14.15 -5.53 -10.58
N TYR A 117 14.18 -6.07 -9.36
CA TYR A 117 14.38 -5.28 -8.15
C TYR A 117 15.42 -5.93 -7.25
N SER A 118 15.97 -5.12 -6.34
CA SER A 118 16.85 -5.65 -5.29
C SER A 118 15.94 -6.47 -4.35
N ARG A 119 16.52 -7.40 -3.60
CA ARG A 119 15.74 -8.17 -2.65
C ARG A 119 15.09 -7.27 -1.63
N PHE A 120 15.83 -6.27 -1.13
CA PHE A 120 15.25 -5.31 -0.20
C PHE A 120 14.03 -4.58 -0.76
N GLU A 121 14.12 -4.11 -2.01
CA GLU A 121 12.97 -3.45 -2.60
C GLU A 121 11.79 -4.42 -2.77
N TRP A 122 12.05 -5.70 -3.08
CA TRP A 122 10.99 -6.71 -3.13
C TRP A 122 10.25 -6.75 -1.81
N LEU A 123 10.95 -6.80 -0.68
CA LEU A 123 10.30 -6.75 0.64
C LEU A 123 9.37 -5.55 0.74
N LEU A 124 9.80 -4.40 0.22
CA LEU A 124 8.98 -3.18 0.22
C LEU A 124 7.79 -3.30 -0.74
N GLU A 125 8.01 -3.95 -1.89
CA GLU A 125 6.93 -4.21 -2.85
C GLU A 125 5.87 -5.10 -2.21
N ILE A 126 6.28 -6.09 -1.40
CA ILE A 126 5.34 -6.97 -0.72
C ILE A 126 4.50 -6.12 0.22
N VAL A 127 5.13 -5.23 0.96
CA VAL A 127 4.43 -4.30 1.87
C VAL A 127 3.40 -3.47 1.10
N ALA A 128 3.82 -2.93 -0.05
CA ALA A 128 2.95 -2.16 -0.94
C ALA A 128 1.76 -3.00 -1.45
N HIS A 129 2.10 -4.22 -1.91
CA HIS A 129 1.14 -5.19 -2.44
C HIS A 129 0.06 -5.50 -1.39
N PHE A 130 0.51 -5.84 -0.18
CA PHE A 130 -0.39 -6.18 0.92
C PHE A 130 -1.28 -4.99 1.29
N TYR A 131 -0.70 -3.81 1.48
CA TYR A 131 -1.48 -2.59 1.80
C TYR A 131 -2.43 -2.19 0.68
N HIS A 132 -2.04 -2.38 -0.59
CA HIS A 132 -2.94 -2.11 -1.71
C HIS A 132 -4.20 -2.97 -1.65
N HIS A 133 -4.02 -4.30 -1.61
CA HIS A 133 -5.12 -5.26 -1.55
CA HIS A 133 -5.16 -5.22 -1.57
C HIS A 133 -5.96 -5.04 -0.30
N ARG A 134 -5.31 -4.70 0.81
CA ARG A 134 -5.99 -4.43 2.07
C ARG A 134 -6.82 -3.13 1.97
N GLY A 135 -6.33 -2.15 1.19
CA GLY A 135 -7.08 -0.93 0.89
C GLY A 135 -8.34 -1.20 0.09
N GLN A 136 -8.24 -2.09 -0.91
CA GLN A 136 -9.40 -2.53 -1.72
C GLN A 136 -10.50 -3.15 -0.85
N ILE A 137 -10.07 -4.06 0.04
CA ILE A 137 -10.96 -4.71 1.02
C ILE A 137 -11.61 -3.68 1.94
N HIS A 138 -10.81 -2.78 2.50
CA HIS A 138 -11.27 -1.73 3.44
C HIS A 138 -12.46 -0.92 2.92
N ILE A 139 -12.35 -0.40 1.70
CA ILE A 139 -13.43 0.41 1.12
C ILE A 139 -14.69 -0.46 0.93
N LEU A 140 -14.54 -1.71 0.47
CA LEU A 140 -15.68 -2.64 0.29
C LEU A 140 -16.27 -3.17 1.60
N LEU A 141 -15.56 -3.02 2.73
CA LEU A 141 -16.12 -3.38 4.06
C LEU A 141 -17.19 -2.35 4.48
N CYS A 142 -17.24 -1.20 3.78
CA CYS A 142 -18.31 -0.19 3.91
C CYS A 142 -19.44 -0.43 2.82
N GLU A 143 -19.70 -1.72 2.57
CA GLU A 143 -20.70 -2.30 1.64
C GLU A 143 -20.93 -1.57 0.31
N GLY B 1 20.30 4.86 2.18
CA GLY B 1 20.94 5.11 0.84
C GLY B 1 20.32 4.22 -0.21
N MSE B 2 20.72 2.95 -0.20
CA MSE B 2 20.12 1.91 -1.04
C MSE B 2 18.71 1.59 -0.53
O MSE B 2 17.81 1.31 -1.31
CB MSE B 2 20.94 0.64 -0.96
CG MSE B 2 20.52 -0.49 -1.92
SE MSE B 2 20.31 -2.20 -0.95
CE MSE B 2 18.61 -1.81 -0.05
N PHE B 3 18.54 1.62 0.79
CA PHE B 3 17.27 1.30 1.45
C PHE B 3 16.27 2.45 1.26
N VAL B 4 16.75 3.69 1.38
CA VAL B 4 15.94 4.89 1.16
C VAL B 4 15.52 5.00 -0.30
N GLN B 5 16.46 4.81 -1.23
CA GLN B 5 16.12 4.85 -2.66
C GLN B 5 15.09 3.78 -3.04
N SER B 6 15.17 2.61 -2.42
CA SER B 6 14.21 1.51 -2.63
C SER B 6 12.79 1.93 -2.19
N ALA B 7 12.70 2.52 -0.99
CA ALA B 7 11.43 3.03 -0.43
C ALA B 7 10.81 4.18 -1.26
N LEU B 8 11.66 5.11 -1.71
CA LEU B 8 11.20 6.23 -2.56
C LEU B 8 10.77 5.75 -3.93
N HIS B 9 11.42 4.72 -4.47
CA HIS B 9 11.07 4.17 -5.77
C HIS B 9 9.70 3.49 -5.75
N GLN B 10 9.41 2.76 -4.68
CA GLN B 10 8.07 2.15 -4.50
C GLN B 10 7.01 3.23 -4.40
N LEU B 11 7.32 4.33 -3.71
CA LEU B 11 6.41 5.47 -3.59
C LEU B 11 6.17 6.09 -4.97
N LYS B 12 7.26 6.35 -5.70
CA LYS B 12 7.23 6.90 -7.06
C LYS B 12 6.47 5.99 -8.04
N VAL B 13 6.58 4.67 -7.92
CA VAL B 13 5.81 3.75 -8.74
C VAL B 13 4.32 3.99 -8.50
N ALA B 14 3.94 4.17 -7.23
CA ALA B 14 2.57 4.46 -6.83
C ALA B 14 2.10 5.80 -7.40
N VAL B 15 2.97 6.83 -7.35
CA VAL B 15 2.69 8.18 -7.88
C VAL B 15 2.47 8.15 -9.38
N ASP B 16 3.46 7.63 -10.10
CA ASP B 16 3.40 7.53 -11.56
C ASP B 16 2.18 6.75 -12.04
N THR B 17 1.90 5.60 -11.43
CA THR B 17 0.74 4.78 -11.80
C THR B 17 -0.58 5.47 -11.46
N SER B 18 -0.64 6.19 -10.35
CA SER B 18 -1.84 6.97 -9.99
C SER B 18 -2.09 8.11 -10.99
N ILE B 19 -1.03 8.69 -11.52
CA ILE B 19 -1.10 9.76 -12.54
C ILE B 19 -1.59 9.22 -13.88
N GLN B 20 -1.12 8.03 -14.25
CA GLN B 20 -1.56 7.35 -15.47
C GLN B 20 -3.01 6.86 -15.34
N MSE B 21 -3.35 6.32 -14.17
CA MSE B 21 -4.71 5.87 -13.86
C MSE B 21 -5.70 7.06 -13.91
O MSE B 21 -6.82 6.93 -14.41
CB MSE B 21 -4.74 5.15 -12.49
CG MSE B 21 -6.11 4.64 -12.02
SE MSE B 21 -6.10 3.57 -10.35
CE MSE B 21 -5.07 4.72 -9.15
N LEU B 22 -5.25 8.22 -13.42
CA LEU B 22 -6.05 9.47 -13.39
C LEU B 22 -6.36 10.01 -14.81
N ASP B 23 -5.47 9.77 -15.77
CA ASP B 23 -5.70 10.17 -17.18
C ASP B 23 -6.80 9.35 -17.90
N GLN B 24 -7.13 8.16 -17.38
CA GLN B 24 -8.21 7.34 -17.96
C GLN B 24 -9.63 7.82 -17.59
N TYR B 25 -9.74 8.86 -16.75
CA TYR B 25 -11.01 9.44 -16.32
C TYR B 25 -10.97 10.95 -16.46
N THR B 26 -12.14 11.56 -16.48
CA THR B 26 -12.30 13.01 -16.56
C THR B 26 -12.84 13.48 -15.22
N GLU B 27 -12.80 14.79 -15.01
CA GLU B 27 -13.31 15.42 -13.80
C GLU B 27 -14.78 15.00 -13.53
N ILE B 28 -15.59 14.96 -14.60
CA ILE B 28 -17.00 14.56 -14.53
C ILE B 28 -17.15 13.08 -14.09
N ASP B 29 -16.38 12.18 -14.70
CA ASP B 29 -16.41 10.74 -14.33
C ASP B 29 -16.19 10.50 -12.82
N LEU B 30 -15.21 11.20 -12.25
CA LEU B 30 -14.84 11.05 -10.83
C LEU B 30 -15.88 11.67 -9.87
N LYS B 31 -16.37 12.85 -10.21
CA LYS B 31 -17.38 13.56 -9.42
C LYS B 31 -18.76 12.88 -9.46
N ILE B 32 -19.17 12.44 -10.65
CA ILE B 32 -20.46 11.77 -10.88
C ILE B 32 -20.58 10.29 -10.45
N ALA B 33 -19.46 9.54 -10.38
CA ALA B 33 -19.47 8.10 -9.99
C ALA B 33 -20.27 7.85 -8.68
N PRO B 34 -21.19 6.83 -8.66
CA PRO B 34 -22.11 6.58 -7.51
C PRO B 34 -21.46 6.32 -6.12
N ILE B 35 -20.55 5.35 -6.06
CA ILE B 35 -19.76 4.99 -4.85
C ILE B 35 -20.53 4.36 -3.66
N GLN B 36 -21.26 5.19 -2.89
CA GLN B 36 -21.98 4.84 -1.64
C GLN B 36 -21.32 5.56 -0.46
N SER B 37 -19.98 5.61 -0.43
CA SER B 37 -19.21 6.31 0.63
C SER B 37 -19.46 7.84 0.68
N LYS B 38 -19.12 8.44 1.83
CA LYS B 38 -19.35 9.89 2.13
C LYS B 38 -18.75 10.93 1.17
N ARG B 39 -17.66 10.56 0.46
CA ARG B 39 -16.96 11.43 -0.50
CA ARG B 39 -17.00 11.43 -0.51
C ARG B 39 -16.84 10.77 -1.88
N SER B 40 -16.74 11.60 -2.92
CA SER B 40 -16.62 11.14 -4.31
C SER B 40 -15.22 10.65 -4.66
N LEU B 41 -15.11 9.94 -5.78
CA LEU B 41 -13.80 9.49 -6.31
C LEU B 41 -12.87 10.66 -6.60
N PHE B 42 -13.45 11.82 -6.93
CA PHE B 42 -12.70 13.05 -7.15
C PHE B 42 -12.07 13.48 -5.84
N GLU B 43 -12.87 13.58 -4.77
CA GLU B 43 -12.41 13.98 -3.42
C GLU B 43 -11.33 13.05 -2.84
N MSE B 44 -11.48 11.75 -3.10
CA MSE B 44 -10.52 10.74 -2.67
C MSE B 44 -9.19 10.82 -3.45
O MSE B 44 -8.13 10.49 -2.89
CB MSE B 44 -11.10 9.34 -2.83
CG MSE B 44 -12.25 9.09 -1.91
SE MSE B 44 -12.96 7.37 -2.24
CE MSE B 44 -11.50 6.27 -1.49
N TYR B 45 -9.27 11.23 -4.71
CA TYR B 45 -8.09 11.36 -5.57
C TYR B 45 -7.37 12.65 -5.18
N ALA B 46 -8.14 13.71 -4.87
CA ALA B 46 -7.58 14.96 -4.37
C ALA B 46 -6.82 14.72 -3.06
N HIS B 47 -7.40 13.93 -2.13
CA HIS B 47 -6.76 13.50 -0.86
CA HIS B 47 -6.72 13.59 -0.89
C HIS B 47 -5.46 12.72 -1.14
N LEU B 48 -5.54 11.78 -2.09
CA LEU B 48 -4.38 10.95 -2.48
C LEU B 48 -3.23 11.85 -2.94
N SER B 49 -3.53 12.90 -3.68
CA SER B 49 -2.50 13.82 -4.20
C SER B 49 -1.79 14.62 -3.11
N LEU B 50 -2.44 14.77 -1.96
CA LEU B 50 -1.88 15.49 -0.80
C LEU B 50 -1.08 14.65 0.19
N ILE B 51 -1.06 13.32 0.03
CA ILE B 51 -0.37 12.40 0.95
C ILE B 51 1.12 12.73 1.13
N CYS B 52 1.86 12.86 0.04
CA CYS B 52 3.29 13.16 0.18
C CYS B 52 3.56 14.44 0.95
N HIS B 53 2.84 15.52 0.63
CA HIS B 53 3.00 16.81 1.34
C HIS B 53 2.58 16.73 2.81
N ALA B 54 1.37 16.22 3.06
CA ALA B 54 0.78 16.12 4.42
C ALA B 54 1.63 15.30 5.38
N ASP B 55 1.91 14.07 4.96
CA ASP B 55 2.73 13.19 5.76
C ASP B 55 4.15 13.75 6.00
N LEU B 56 4.70 14.53 5.06
CA LEU B 56 6.00 15.23 5.30
C LEU B 56 5.85 16.34 6.36
N LEU B 57 4.74 17.07 6.30
CA LEU B 57 4.44 18.10 7.32
CA LEU B 57 4.47 18.10 7.32
C LEU B 57 4.33 17.42 8.70
N ILE B 58 3.61 16.30 8.75
CA ILE B 58 3.45 15.52 10.02
C ILE B 58 4.81 15.12 10.61
N LEU B 59 5.68 14.57 9.77
CA LEU B 59 7.05 14.19 10.13
C LEU B 59 7.86 15.37 10.68
N ASN B 60 7.64 16.55 10.08
CA ASN B 60 8.30 17.81 10.47
C ASN B 60 7.59 18.62 11.55
N GLY B 61 6.84 17.94 12.43
CA GLY B 61 6.23 18.54 13.59
C GLY B 61 4.99 19.38 13.42
N SER B 62 4.30 19.27 12.29
CA SER B 62 3.09 20.08 12.08
C SER B 62 1.99 19.66 13.05
N THR B 63 1.24 20.66 13.53
CA THR B 63 0.14 20.44 14.45
C THR B 63 -1.07 19.94 13.68
N GLU B 64 -2.03 19.39 14.43
CA GLU B 64 -3.31 18.93 13.89
C GLU B 64 -3.99 20.09 13.16
N LYS B 65 -4.13 21.22 13.87
CA LYS B 65 -4.71 22.47 13.35
C LYS B 65 -4.16 22.85 11.98
N GLU B 66 -2.83 22.79 11.86
CA GLU B 66 -2.15 23.10 10.60
C GLU B 66 -2.54 22.11 9.48
N LEU B 67 -2.60 20.81 9.80
CA LEU B 67 -3.04 19.78 8.83
C LEU B 67 -4.48 20.01 8.41
N HIS B 68 -5.35 20.32 9.37
CA HIS B 68 -6.77 20.64 9.09
C HIS B 68 -6.91 21.85 8.18
N THR B 69 -6.14 22.92 8.47
CA THR B 69 -6.09 24.09 7.59
C THR B 69 -5.50 23.72 6.22
N PHE B 70 -4.44 22.89 6.23
CA PHE B 70 -3.75 22.45 4.99
C PHE B 70 -4.72 21.75 4.06
N TYR B 71 -5.43 20.74 4.58
CA TYR B 71 -6.46 20.03 3.80
C TYR B 71 -7.62 20.95 3.39
N LYS B 72 -8.06 21.83 4.31
CA LYS B 72 -9.12 22.82 4.02
C LYS B 72 -8.78 23.73 2.84
N GLU B 73 -7.59 24.34 2.88
CA GLU B 73 -7.19 25.31 1.84
C GLU B 73 -6.36 24.81 0.64
N GLN B 74 -5.81 23.58 0.68
CA GLN B 74 -4.92 23.11 -0.42
C GLN B 74 -5.32 21.90 -1.23
N THR B 75 -6.46 21.28 -0.91
CA THR B 75 -6.99 20.12 -1.64
C THR B 75 -7.29 20.54 -3.07
N PRO B 76 -6.65 19.90 -4.07
CA PRO B 76 -6.91 20.18 -5.49
C PRO B 76 -8.37 20.21 -5.91
N GLU B 77 -8.68 21.14 -6.81
CA GLU B 77 -10.01 21.32 -7.39
C GLU B 77 -10.04 20.94 -8.89
N THR B 78 -8.91 20.46 -9.43
CA THR B 78 -8.79 20.02 -10.82
CA THR B 78 -8.83 19.97 -10.81
C THR B 78 -7.82 18.83 -10.91
N ILE B 79 -7.96 17.99 -11.94
CA ILE B 79 -7.08 16.84 -12.18
C ILE B 79 -5.65 17.29 -12.51
N ALA B 80 -5.51 18.48 -13.11
CA ALA B 80 -4.19 19.04 -13.44
C ALA B 80 -3.43 19.37 -12.16
N GLN B 81 -4.07 20.09 -11.24
CA GLN B 81 -3.45 20.48 -9.96
C GLN B 81 -3.27 19.30 -9.00
N MSE B 82 -4.06 18.22 -9.19
CA MSE B 82 -3.84 16.96 -8.47
C MSE B 82 -2.52 16.35 -8.91
O MSE B 82 -1.73 15.95 -8.07
CB MSE B 82 -4.92 15.93 -8.77
CG MSE B 82 -6.23 16.13 -8.07
SE MSE B 82 -7.43 14.75 -8.69
CE MSE B 82 -8.97 15.34 -7.61
N GLN B 83 -2.31 16.29 -10.22
CA GLN B 83 -1.06 15.74 -10.78
C GLN B 83 0.16 16.59 -10.44
N LYS B 84 0.01 17.91 -10.53
CA LYS B 84 1.07 18.85 -10.19
C LYS B 84 1.43 18.75 -8.70
N THR B 85 0.42 18.71 -7.82
CA THR B 85 0.63 18.61 -6.38
C THR B 85 1.31 17.30 -5.95
N MSE B 86 0.84 16.18 -6.49
CA MSE B 86 1.37 14.86 -6.19
C MSE B 86 2.85 14.73 -6.59
O MSE B 86 3.64 14.14 -5.84
CB MSE B 86 0.53 13.79 -6.88
CG MSE B 86 0.60 12.43 -6.28
SE MSE B 86 -0.54 11.21 -7.30
CE MSE B 86 -2.28 12.04 -7.10
N ILE B 87 3.23 15.29 -7.76
CA ILE B 87 4.64 15.29 -8.22
C ILE B 87 5.52 16.18 -7.33
N GLN B 88 5.02 17.36 -7.02
CA GLN B 88 5.74 18.30 -6.14
C GLN B 88 5.93 17.75 -4.74
N GLY B 89 4.93 17.05 -4.22
CA GLY B 89 5.00 16.42 -2.90
C GLY B 89 6.04 15.30 -2.89
N TYR B 90 6.05 14.50 -3.95
CA TYR B 90 7.04 13.45 -4.09
C TYR B 90 8.45 14.04 -4.12
N ASP B 91 8.65 15.08 -4.94
CA ASP B 91 9.96 15.75 -5.04
C ASP B 91 10.41 16.27 -3.68
N LEU B 92 9.51 16.90 -2.91
CA LEU B 92 9.89 17.44 -1.61
C LEU B 92 10.22 16.30 -0.61
N LEU B 93 9.42 15.24 -0.65
CA LEU B 93 9.63 14.09 0.22
C LEU B 93 10.93 13.36 -0.11
N SER B 94 11.18 13.13 -1.39
CA SER B 94 12.42 12.42 -1.79
C SER B 94 13.66 13.25 -1.50
N LYS B 95 13.65 14.52 -1.92
CA LYS B 95 14.80 15.42 -1.66
C LYS B 95 15.14 15.48 -0.18
N THR B 96 14.09 15.49 0.65
CA THR B 96 14.25 15.47 2.08
C THR B 96 14.87 14.17 2.55
N PHE B 97 14.27 13.04 2.19
CA PHE B 97 14.80 11.72 2.63
C PHE B 97 16.20 11.40 2.14
N LEU B 98 16.53 11.87 0.94
CA LEU B 98 17.88 11.72 0.36
C LEU B 98 18.91 12.63 1.04
N SER B 99 18.46 13.66 1.77
CA SER B 99 19.33 14.55 2.52
C SER B 99 19.73 13.95 3.88
N TYR B 100 18.98 12.94 4.36
CA TYR B 100 19.22 12.37 5.68
C TYR B 100 20.39 11.37 5.76
N SER B 101 21.18 11.52 6.81
CA SER B 101 22.24 10.57 7.18
C SER B 101 21.54 9.36 7.82
N ASN B 102 22.29 8.27 8.04
CA ASN B 102 21.74 7.08 8.76
C ASN B 102 21.24 7.43 10.16
N GLU B 103 21.94 8.37 10.80
CA GLU B 103 21.63 8.85 12.15
C GLU B 103 20.30 9.59 12.10
N GLN B 104 20.13 10.40 11.06
CA GLN B 104 18.88 11.11 10.80
C GLN B 104 17.73 10.16 10.46
N LEU B 105 18.03 9.11 9.69
CA LEU B 105 17.04 8.07 9.39
C LEU B 105 16.58 7.30 10.63
N ALA B 106 17.45 7.19 11.64
CA ALA B 106 17.13 6.53 12.90
C ALA B 106 16.45 7.44 13.92
N GLU B 107 16.52 8.76 13.70
CA GLU B 107 15.96 9.75 14.63
C GLU B 107 14.48 9.56 14.82
N MSE B 108 14.04 9.70 16.06
CA MSE B 108 12.64 9.49 16.45
C MSE B 108 11.90 10.80 16.41
O MSE B 108 12.36 11.80 16.97
CB MSE B 108 12.58 8.93 17.86
CG MSE B 108 13.33 7.65 18.00
SE MSE B 108 12.42 6.22 17.09
CE MSE B 108 13.99 5.18 16.54
N LYS B 109 10.74 10.80 15.73
CA LYS B 109 9.86 11.96 15.62
C LYS B 109 8.48 11.54 16.07
N THR B 110 7.80 12.43 16.80
CA THR B 110 6.44 12.17 17.29
C THR B 110 5.43 12.91 16.41
N ALA B 111 4.48 12.15 15.87
CA ALA B 111 3.36 12.73 15.09
C ALA B 111 2.49 13.48 16.09
N TYR B 112 1.73 14.46 15.61
CA TYR B 112 0.88 15.31 16.49
C TYR B 112 -0.02 14.51 17.45
N TRP B 113 -0.48 13.35 16.98
CA TRP B 113 -1.30 12.40 17.75
C TRP B 113 -0.52 11.51 18.76
N GLY B 114 0.76 11.83 19.01
CA GLY B 114 1.54 11.18 20.06
C GLY B 114 2.20 9.84 19.83
N ILE B 115 2.03 9.25 18.65
CA ILE B 115 2.70 7.98 18.32
C ILE B 115 4.04 8.41 17.71
N SER B 116 5.12 7.69 18.03
CA SER B 116 6.47 7.97 17.53
C SER B 116 7.00 6.88 16.62
N TYR B 117 7.82 7.31 15.65
CA TYR B 117 8.44 6.45 14.62
C TYR B 117 9.83 7.00 14.34
N SER B 118 10.71 6.15 13.81
CA SER B 118 11.99 6.62 13.29
C SER B 118 11.65 7.28 11.95
N ARG B 119 12.54 8.11 11.42
CA ARG B 119 12.26 8.72 10.13
C ARG B 119 12.10 7.68 9.03
N PHE B 120 12.92 6.62 9.06
CA PHE B 120 12.79 5.53 8.07
C PHE B 120 11.45 4.78 8.22
N GLU B 121 11.10 4.45 9.46
CA GLU B 121 9.79 3.83 9.75
C GLU B 121 8.64 4.67 9.21
N TRP B 122 8.71 5.98 9.41
CA TRP B 122 7.66 6.89 8.92
C TRP B 122 7.62 6.90 7.37
N LEU B 123 8.77 6.80 6.70
CA LEU B 123 8.77 6.71 5.24
C LEU B 123 7.99 5.47 4.79
N LEU B 124 8.17 4.35 5.49
CA LEU B 124 7.45 3.11 5.17
C LEU B 124 5.94 3.25 5.45
N GLU B 125 5.59 4.06 6.44
CA GLU B 125 4.17 4.40 6.72
C GLU B 125 3.58 5.26 5.60
N ILE B 126 4.39 6.12 4.94
CA ILE B 126 3.92 6.94 3.80
C ILE B 126 3.60 5.99 2.64
N VAL B 127 4.53 5.08 2.38
CA VAL B 127 4.36 4.07 1.35
C VAL B 127 3.07 3.25 1.59
N ALA B 128 2.89 2.75 2.80
CA ALA B 128 1.70 1.98 3.16
C ALA B 128 0.39 2.81 3.00
N HIS B 129 0.42 4.06 3.49
CA HIS B 129 -0.68 5.06 3.40
C HIS B 129 -1.08 5.27 1.95
N PHE B 130 -0.10 5.52 1.09
CA PHE B 130 -0.35 5.80 -0.31
C PHE B 130 -0.92 4.59 -1.04
N TYR B 131 -0.33 3.41 -0.86
CA TYR B 131 -0.84 2.19 -1.48
C TYR B 131 -2.25 1.82 -0.91
N HIS B 132 -2.46 2.03 0.39
CA HIS B 132 -3.77 1.73 0.99
C HIS B 132 -4.80 2.57 0.28
N HIS B 133 -4.62 3.88 0.30
CA HIS B 133 -5.54 4.82 -0.33
C HIS B 133 -5.68 4.66 -1.84
N ARG B 134 -4.58 4.35 -2.54
CA ARG B 134 -4.61 4.08 -3.98
C ARG B 134 -5.43 2.80 -4.26
N GLY B 135 -5.38 1.83 -3.35
CA GLY B 135 -6.16 0.60 -3.44
C GLY B 135 -7.65 0.84 -3.23
N GLN B 136 -8.02 1.72 -2.31
CA GLN B 136 -9.44 2.09 -2.08
C GLN B 136 -10.05 2.68 -3.36
N ILE B 137 -9.31 3.62 -3.95
CA ILE B 137 -9.70 4.27 -5.20
C ILE B 137 -9.78 3.25 -6.34
N HIS B 138 -8.74 2.44 -6.50
CA HIS B 138 -8.67 1.43 -7.56
C HIS B 138 -9.87 0.48 -7.65
N ILE B 139 -10.33 -0.04 -6.51
CA ILE B 139 -11.47 -0.95 -6.49
C ILE B 139 -12.79 -0.21 -6.74
N LEU B 140 -12.93 1.03 -6.26
CA LEU B 140 -14.12 1.85 -6.52
C LEU B 140 -14.22 2.14 -8.01
N LEU B 141 -13.06 2.31 -8.68
CA LEU B 141 -13.01 2.51 -10.15
C LEU B 141 -13.47 1.26 -10.90
N CYS B 142 -12.94 0.09 -10.56
CA CYS B 142 -13.37 -1.18 -11.17
C CYS B 142 -14.86 -1.51 -10.93
N GLU B 143 -15.40 -1.08 -9.78
CA GLU B 143 -16.79 -1.33 -9.37
C GLU B 143 -17.86 -0.43 -10.00
N HIS B 144 -17.57 0.87 -10.12
CA HIS B 144 -18.54 1.90 -10.62
C HIS B 144 -18.17 2.65 -11.91
N MSE B 145 -17.00 2.35 -12.48
CA MSE B 145 -16.48 2.99 -13.68
C MSE B 145 -15.80 1.91 -14.55
O MSE B 145 -15.96 0.72 -14.31
CB MSE B 145 -15.49 4.10 -13.26
CG MSE B 145 -16.12 5.38 -12.75
SE MSE B 145 -17.21 6.26 -14.12
CE MSE B 145 -16.01 6.25 -15.67
N LYS B 146 -15.07 2.34 -15.59
CA LYS B 146 -14.26 1.41 -16.39
C LYS B 146 -13.04 0.94 -15.55
N ASP B 147 -12.59 -0.28 -15.83
CA ASP B 147 -11.41 -0.87 -15.17
C ASP B 147 -10.16 -0.20 -15.80
N PRO B 148 -9.26 0.40 -14.97
CA PRO B 148 -8.02 1.02 -15.50
C PRO B 148 -6.91 -0.03 -15.73
N ASN B 149 -5.66 0.41 -15.95
CA ASN B 149 -4.49 -0.51 -16.09
C ASN B 149 -3.22 -0.01 -15.35
N ILE B 150 -2.69 -0.85 -14.46
CA ILE B 150 -1.43 -0.59 -13.71
C ILE B 150 -0.26 -1.22 -14.49
#